data_8ALX
#
_entry.id   8ALX
#
_cell.length_a   56.345
_cell.length_b   65.473
_cell.length_c   78.591
_cell.angle_alpha   90.000
_cell.angle_beta   90.000
_cell.angle_gamma   90.000
#
_symmetry.space_group_name_H-M   'C 2 2 21'
#
loop_
_entity.id
_entity.type
_entity.pdbx_description
1 polymer 'Programmed cell death 1 ligand 1'
2 polymer '3-PYRIDIN-4-YL-2,4-DIHYDRO-INDENO[1,2-.C.]PYRAZOLE, AMINOMETHYLAMIDE'
3 non-polymer 'ACETATE ION'
4 non-polymer GLYCEROL
5 water water
#
loop_
_entity_poly.entity_id
_entity_poly.type
_entity_poly.pdbx_seq_one_letter_code
_entity_poly.pdbx_strand_id
1 'polypeptide(L)'
;AFTVTVPKDLYVVEYGSNMTIECKFPVEKQLDLAALIVYWEMEDKNIIQFVHGEEDLKVQHSSYRQRARLLKDQLSLGNA
ALQITDVKLQDAGVYRCMISYGGADYKRITVKVNAPYAAALEHHHHHH
;
A
2 'polypeptide(L)' Y(MAA)NP(DPP)L(HYP)W(DAB)(V6W)(9KK)(9KK)L(CCS)G(NH2) B
#
loop_
_chem_comp.id
_chem_comp.type
_chem_comp.name
_chem_comp.formula
ACT non-polymer 'ACETATE ION' 'C2 H3 O2 -1'
GOL non-polymer GLYCEROL 'C3 H8 O3'
NH2 non-polymer 'AMINO GROUP' 'H2 N'
#
# COMPACT_ATOMS: atom_id res chain seq x y z
N THR A 3 -14.82 -0.81 8.18
CA THR A 3 -14.12 0.47 7.92
C THR A 3 -12.62 0.20 7.87
N VAL A 4 -11.91 0.91 7.00
CA VAL A 4 -10.43 0.86 6.95
C VAL A 4 -9.96 1.88 7.98
N THR A 5 -9.01 1.47 8.78
CA THR A 5 -8.41 2.35 9.75
C THR A 5 -6.90 2.32 9.61
N VAL A 6 -6.26 3.40 10.05
CA VAL A 6 -4.83 3.43 10.09
C VAL A 6 -4.36 3.67 11.53
N PRO A 7 -3.32 2.97 12.02
CA PRO A 7 -2.81 3.27 13.36
C PRO A 7 -2.20 4.67 13.43
N LYS A 8 -1.64 5.12 12.31
CA LYS A 8 -1.22 6.47 12.20
C LYS A 8 -1.29 6.92 10.77
N ASP A 9 -1.46 8.22 10.61
CA ASP A 9 -1.61 8.79 9.29
C ASP A 9 -0.44 9.66 8.89
N LEU A 10 0.66 9.61 9.66
CA LEU A 10 1.90 10.32 9.37
C LEU A 10 3.04 9.44 9.82
N TYR A 11 3.94 9.18 8.89
CA TYR A 11 5.21 8.46 9.11
C TYR A 11 6.35 9.41 8.76
N VAL A 12 7.35 9.47 9.64
CA VAL A 12 8.57 10.18 9.35
C VAL A 12 9.65 9.11 9.37
N VAL A 13 10.22 8.81 8.21
N VAL A 13 10.23 8.87 8.19
CA VAL A 13 11.12 7.70 8.10
CA VAL A 13 11.03 7.70 7.85
C VAL A 13 12.44 8.09 7.50
C VAL A 13 12.45 8.15 7.51
N GLU A 14 13.47 7.44 8.01
CA GLU A 14 14.81 7.75 7.70
C GLU A 14 15.17 7.33 6.28
N TYR A 15 15.84 8.25 5.55
N TYR A 15 15.81 8.23 5.57
CA TYR A 15 16.50 8.02 4.22
CA TYR A 15 16.35 8.02 4.21
C TYR A 15 17.24 6.68 4.32
C TYR A 15 17.29 6.79 4.20
N GLY A 16 16.99 5.78 3.36
CA GLY A 16 17.75 4.57 3.26
C GLY A 16 17.24 3.42 4.10
N SER A 17 16.28 3.69 4.99
CA SER A 17 15.72 2.67 5.85
C SER A 17 14.60 1.92 5.13
N ASN A 18 13.99 0.95 5.82
CA ASN A 18 12.81 0.28 5.32
C ASN A 18 11.62 0.77 6.11
N MET A 19 10.48 0.97 5.43
N MET A 19 10.49 0.97 5.43
CA MET A 19 9.26 1.42 6.09
CA MET A 19 9.26 1.37 6.08
C MET A 19 8.10 0.49 5.78
C MET A 19 8.17 0.36 5.81
N THR A 20 7.25 0.25 6.77
CA THR A 20 6.02 -0.52 6.59
C THR A 20 4.86 0.35 6.95
N ILE A 21 4.02 0.68 5.97
CA ILE A 21 2.86 1.52 6.12
CA ILE A 21 2.89 1.53 6.26
C ILE A 21 1.63 0.65 6.28
N GLU A 22 0.85 0.86 7.32
CA GLU A 22 -0.25 -0.03 7.64
C GLU A 22 -1.60 0.54 7.33
N CYS A 23 -2.50 -0.21 6.65
N CYS A 23 -2.50 -0.44 7.18
CA CYS A 23 -3.96 0.07 6.60
CA CYS A 23 -3.76 -0.17 6.60
C CYS A 23 -4.63 -1.24 7.06
C CYS A 23 -4.71 -1.31 7.00
N LYS A 24 -5.50 -1.10 8.07
CA LYS A 24 -6.20 -2.20 8.69
C LYS A 24 -7.63 -2.30 8.22
N PHE A 25 -8.12 -3.53 8.15
CA PHE A 25 -9.47 -3.81 7.75
C PHE A 25 -9.96 -5.03 8.53
N PRO A 26 -11.28 -5.15 8.72
CA PRO A 26 -11.79 -6.21 9.59
C PRO A 26 -11.72 -7.57 8.91
N VAL A 27 -11.13 -8.53 9.60
CA VAL A 27 -11.08 -9.93 9.17
CA VAL A 27 -11.08 -9.91 9.17
C VAL A 27 -11.71 -10.76 10.27
N GLU A 28 -12.43 -11.78 9.85
CA GLU A 28 -13.11 -12.69 10.76
C GLU A 28 -12.15 -13.87 11.06
N LYS A 29 -12.67 -15.09 11.15
N LYS A 29 -12.67 -15.09 11.23
CA LYS A 29 -11.85 -16.19 11.55
CA LYS A 29 -11.81 -16.23 11.55
C LYS A 29 -10.73 -16.42 10.53
C LYS A 29 -10.68 -16.40 10.51
N GLN A 30 -11.06 -16.32 9.24
CA GLN A 30 -10.04 -16.39 8.24
CA GLN A 30 -10.18 -16.56 8.09
C GLN A 30 -10.32 -15.41 7.11
N LEU A 31 -9.24 -14.93 6.51
CA LEU A 31 -9.30 -14.08 5.35
C LEU A 31 -9.85 -14.86 4.16
N ASP A 32 -10.76 -14.26 3.40
CA ASP A 32 -11.27 -14.81 2.16
C ASP A 32 -10.70 -14.03 0.99
N LEU A 33 -9.70 -14.62 0.32
CA LEU A 33 -9.08 -13.93 -0.81
C LEU A 33 -10.10 -13.59 -1.87
N ALA A 34 -11.14 -14.42 -2.08
CA ALA A 34 -12.07 -14.18 -3.16
C ALA A 34 -12.91 -12.91 -2.98
N ALA A 35 -12.87 -12.32 -1.78
CA ALA A 35 -13.61 -11.13 -1.46
C ALA A 35 -12.72 -9.87 -1.36
N LEU A 36 -11.39 -10.02 -1.52
CA LEU A 36 -10.44 -8.97 -1.15
C LEU A 36 -9.77 -8.33 -2.36
N ILE A 37 -9.82 -6.98 -2.40
CA ILE A 37 -9.02 -6.17 -3.33
C ILE A 37 -8.30 -5.11 -2.50
N VAL A 38 -7.01 -4.91 -2.80
CA VAL A 38 -6.20 -3.89 -2.13
C VAL A 38 -5.54 -3.03 -3.20
N TYR A 39 -5.61 -1.72 -3.01
CA TYR A 39 -4.93 -0.74 -3.88
C TYR A 39 -4.06 0.15 -3.02
N TRP A 40 -2.77 0.23 -3.36
CA TRP A 40 -1.87 1.25 -2.80
C TRP A 40 -1.40 2.11 -3.98
N GLU A 41 -1.57 3.43 -3.77
CA GLU A 41 -1.28 4.44 -4.79
C GLU A 41 -0.56 5.60 -4.13
N MET A 42 0.23 6.33 -4.94
N MET A 42 0.22 6.34 -4.95
CA MET A 42 0.95 7.50 -4.40
CA MET A 42 0.95 7.50 -4.40
C MET A 42 1.12 8.56 -5.50
C MET A 42 1.13 8.56 -5.50
N GLU A 43 0.27 9.58 -5.46
CA GLU A 43 0.35 10.72 -6.42
C GLU A 43 0.38 10.23 -7.87
N ASP A 44 -0.61 9.41 -8.22
CA ASP A 44 -0.81 8.87 -9.59
C ASP A 44 0.15 7.70 -9.90
N LYS A 45 0.99 7.26 -9.03
N LYS A 45 0.98 7.27 -9.03
CA LYS A 45 1.83 6.09 -9.21
CA LYS A 45 1.83 6.10 -9.22
C LYS A 45 1.12 4.90 -8.57
C LYS A 45 1.15 4.90 -8.58
N ASN A 46 0.98 3.83 -9.35
CA ASN A 46 0.38 2.58 -8.86
C ASN A 46 1.45 1.73 -8.20
N ILE A 47 1.23 1.35 -6.94
CA ILE A 47 2.22 0.58 -6.20
C ILE A 47 1.81 -0.87 -6.05
N ILE A 48 0.56 -1.06 -5.57
CA ILE A 48 -0.01 -2.42 -5.39
C ILE A 48 -1.40 -2.41 -5.96
N GLN A 49 -1.68 -3.39 -6.83
CA GLN A 49 -3.03 -3.63 -7.34
C GLN A 49 -3.32 -5.12 -7.17
N PHE A 50 -3.85 -5.46 -5.99
CA PHE A 50 -4.04 -6.85 -5.57
C PHE A 50 -5.51 -7.20 -5.73
N VAL A 51 -5.79 -8.23 -6.53
CA VAL A 51 -7.17 -8.60 -6.86
C VAL A 51 -7.38 -10.06 -6.51
N HIS A 52 -8.01 -10.31 -5.37
CA HIS A 52 -8.39 -11.66 -5.01
C HIS A 52 -7.20 -12.61 -4.93
N GLY A 53 -6.05 -12.09 -4.53
CA GLY A 53 -4.83 -12.88 -4.51
C GLY A 53 -3.87 -12.64 -5.65
N GLU A 54 -4.33 -11.99 -6.72
N GLU A 54 -4.34 -11.96 -6.69
CA GLU A 54 -3.55 -11.84 -7.93
CA GLU A 54 -3.63 -11.77 -7.94
C GLU A 54 -2.91 -10.46 -7.99
C GLU A 54 -2.90 -10.44 -7.97
N GLU A 55 -1.62 -10.46 -8.37
CA GLU A 55 -0.84 -9.24 -8.61
C GLU A 55 -0.05 -9.44 -9.87
N ASP A 56 0.24 -8.31 -10.53
CA ASP A 56 1.01 -8.28 -11.78
C ASP A 56 2.07 -7.21 -11.67
N LEU A 57 3.34 -7.61 -11.59
CA LEU A 57 4.45 -6.64 -11.52
C LEU A 57 4.45 -5.65 -12.66
N LYS A 58 3.93 -6.04 -13.82
CA LYS A 58 4.00 -5.14 -14.96
C LYS A 58 3.32 -3.80 -14.75
N VAL A 59 2.33 -3.71 -13.85
CA VAL A 59 1.63 -2.46 -13.63
C VAL A 59 2.21 -1.66 -12.47
N GLN A 60 3.23 -2.17 -11.77
CA GLN A 60 3.84 -1.38 -10.71
C GLN A 60 4.67 -0.25 -11.29
N HIS A 61 4.51 0.96 -10.76
CA HIS A 61 5.26 2.09 -11.23
C HIS A 61 6.76 1.82 -11.10
N SER A 62 7.51 2.23 -12.13
CA SER A 62 8.95 1.97 -12.20
C SER A 62 9.72 2.40 -10.97
N SER A 63 9.30 3.48 -10.32
N SER A 63 9.28 3.52 -10.35
CA SER A 63 10.07 3.99 -9.21
CA SER A 63 9.91 4.11 -9.16
C SER A 63 9.93 3.21 -7.92
C SER A 63 10.03 3.11 -8.00
N TYR A 64 9.05 2.21 -7.91
CA TYR A 64 8.88 1.31 -6.75
C TYR A 64 9.32 -0.12 -7.05
N ARG A 65 9.72 -0.43 -8.28
N ARG A 65 9.75 -0.41 -8.28
CA ARG A 65 10.17 -1.80 -8.65
CA ARG A 65 10.14 -1.79 -8.66
C ARG A 65 11.20 -2.30 -7.64
C ARG A 65 11.34 -2.23 -7.83
N GLN A 66 11.03 -3.55 -7.20
N GLN A 66 11.23 -3.48 -7.34
CA GLN A 66 12.00 -4.23 -6.36
CA GLN A 66 12.16 -4.14 -6.44
C GLN A 66 12.15 -3.64 -4.98
C GLN A 66 12.06 -3.73 -4.95
N ARG A 67 11.32 -2.63 -4.66
CA ARG A 67 11.34 -2.02 -3.31
C ARG A 67 10.01 -2.15 -2.59
N ALA A 68 8.90 -2.28 -3.33
CA ALA A 68 7.57 -2.18 -2.69
C ALA A 68 6.82 -3.49 -2.86
N ARG A 69 6.34 -3.99 -1.74
CA ARG A 69 5.50 -5.23 -1.78
CA ARG A 69 5.53 -5.25 -1.77
C ARG A 69 4.45 -5.17 -0.63
N LEU A 70 3.36 -5.91 -0.90
CA LEU A 70 2.28 -6.04 0.09
C LEU A 70 2.62 -7.28 0.95
N LEU A 71 2.75 -7.09 2.24
CA LEU A 71 3.15 -8.18 3.14
C LEU A 71 1.99 -9.14 3.35
N LYS A 72 2.16 -10.37 2.91
CA LYS A 72 1.05 -11.33 2.89
C LYS A 72 0.72 -11.95 4.25
N ASP A 73 1.72 -12.12 5.09
CA ASP A 73 1.45 -12.56 6.46
C ASP A 73 0.56 -11.57 7.20
N GLN A 74 0.85 -10.28 7.06
CA GLN A 74 0.04 -9.26 7.67
C GLN A 74 -1.34 -9.21 7.08
N LEU A 75 -1.39 -9.36 5.77
CA LEU A 75 -2.65 -9.30 5.09
C LEU A 75 -3.62 -10.31 5.71
N SER A 76 -3.08 -11.51 6.00
N SER A 76 -3.12 -11.52 5.99
CA SER A 76 -3.89 -12.55 6.56
CA SER A 76 -3.95 -12.53 6.57
C SER A 76 -4.50 -12.23 7.96
C SER A 76 -4.60 -12.14 7.93
N LEU A 77 -3.92 -11.23 8.65
CA LEU A 77 -4.39 -10.68 9.93
C LEU A 77 -5.27 -9.41 9.83
N GLY A 78 -5.60 -8.98 8.64
CA GLY A 78 -6.36 -7.73 8.44
C GLY A 78 -5.49 -6.50 8.45
N ASN A 79 -4.25 -6.64 8.01
CA ASN A 79 -3.32 -5.51 7.89
C ASN A 79 -2.71 -5.54 6.49
N ALA A 80 -3.16 -4.66 5.61
N ALA A 80 -3.23 -4.63 5.66
CA ALA A 80 -2.66 -4.67 4.23
CA ALA A 80 -2.71 -4.36 4.35
C ALA A 80 -1.41 -3.77 4.12
C ALA A 80 -1.47 -3.52 4.62
N ALA A 81 -0.33 -4.21 4.72
CA ALA A 81 0.88 -3.49 5.02
C ALA A 81 1.74 -3.41 3.78
N LEU A 82 2.09 -2.16 3.41
CA LEU A 82 2.98 -1.87 2.31
C LEU A 82 4.38 -1.67 2.84
N GLN A 83 5.31 -2.58 2.47
CA GLN A 83 6.70 -2.44 2.84
C GLN A 83 7.45 -1.85 1.67
N ILE A 84 8.19 -0.77 1.94
CA ILE A 84 9.08 -0.14 0.97
C ILE A 84 10.47 -0.15 1.53
N THR A 85 11.39 -0.84 0.85
CA THR A 85 12.76 -0.91 1.28
C THR A 85 13.56 0.20 0.63
N ASP A 86 14.68 0.52 1.29
N ASP A 86 14.68 0.54 1.28
CA ASP A 86 15.64 1.49 0.83
CA ASP A 86 15.64 1.52 0.77
C ASP A 86 14.92 2.79 0.44
C ASP A 86 14.92 2.83 0.43
N VAL A 87 14.27 3.40 1.44
CA VAL A 87 13.44 4.56 1.25
C VAL A 87 14.25 5.71 0.66
N LYS A 88 13.68 6.34 -0.36
CA LYS A 88 14.27 7.46 -1.09
CA LYS A 88 14.28 7.46 -1.07
C LYS A 88 13.59 8.76 -0.69
N LEU A 89 14.27 9.89 -0.86
N LEU A 89 14.27 9.91 -0.84
CA LEU A 89 13.62 11.19 -0.64
CA LEU A 89 13.61 11.18 -0.61
C LEU A 89 12.37 11.37 -1.49
C LEU A 89 12.35 11.34 -1.48
N GLN A 90 12.39 10.80 -2.71
CA GLN A 90 11.28 10.87 -3.63
C GLN A 90 10.08 10.05 -3.20
N ASP A 91 10.27 9.18 -2.20
CA ASP A 91 9.17 8.41 -1.63
C ASP A 91 8.27 9.25 -0.74
N ALA A 92 8.69 10.46 -0.38
CA ALA A 92 7.84 11.29 0.47
C ALA A 92 6.59 11.73 -0.32
N GLY A 93 5.45 11.76 0.34
CA GLY A 93 4.23 12.18 -0.27
C GLY A 93 3.04 11.51 0.40
N VAL A 94 1.90 11.61 -0.25
CA VAL A 94 0.66 11.06 0.27
C VAL A 94 0.38 9.72 -0.38
N TYR A 95 0.31 8.69 0.46
CA TYR A 95 -0.01 7.31 0.05
C TYR A 95 -1.48 7.09 0.34
N ARG A 96 -2.16 6.43 -0.58
CA ARG A 96 -3.59 6.12 -0.43
C ARG A 96 -3.77 4.61 -0.50
N CYS A 97 -4.50 4.08 0.49
N CYS A 97 -4.46 4.09 0.53
CA CYS A 97 -4.91 2.68 0.47
CA CYS A 97 -4.79 2.68 0.69
C CYS A 97 -6.41 2.61 0.29
C CYS A 97 -6.29 2.53 0.57
N MET A 98 -6.85 1.71 -0.59
N MET A 98 -6.72 1.74 -0.41
CA MET A 98 -8.25 1.33 -0.72
CA MET A 98 -8.11 1.35 -0.55
C MET A 98 -8.30 -0.16 -0.42
C MET A 98 -8.23 -0.15 -0.38
N ILE A 99 -9.16 -0.53 0.51
N ILE A 99 -9.14 -0.55 0.51
CA ILE A 99 -9.49 -1.94 0.76
CA ILE A 99 -9.43 -1.97 0.69
C ILE A 99 -10.94 -2.14 0.38
C ILE A 99 -10.91 -2.18 0.43
N SER A 100 -11.19 -3.16 -0.44
CA SER A 100 -12.53 -3.64 -0.71
C SER A 100 -12.62 -5.05 -0.14
N TYR A 101 -13.44 -5.19 0.89
CA TYR A 101 -13.55 -6.45 1.65
C TYR A 101 -14.85 -6.35 2.45
N GLY A 102 -15.94 -6.84 1.87
CA GLY A 102 -17.25 -6.59 2.46
C GLY A 102 -17.60 -5.11 2.55
N GLY A 103 -17.25 -4.40 1.49
CA GLY A 103 -17.43 -2.98 1.35
C GLY A 103 -16.09 -2.32 1.08
N ALA A 104 -16.12 -1.11 0.52
CA ALA A 104 -14.92 -0.38 0.17
C ALA A 104 -14.73 0.84 1.05
N ASP A 105 -13.50 1.04 1.48
CA ASP A 105 -13.13 2.21 2.23
C ASP A 105 -11.67 2.50 1.94
N TYR A 106 -11.19 3.63 2.45
CA TYR A 106 -9.84 4.09 2.12
CA TYR A 106 -9.82 4.07 2.14
C TYR A 106 -9.34 5.05 3.20
N LYS A 107 -8.03 5.21 3.25
CA LYS A 107 -7.39 6.21 4.06
C LYS A 107 -6.20 6.75 3.32
N ARG A 108 -5.85 7.98 3.68
CA ARG A 108 -4.63 8.68 3.21
CA ARG A 108 -4.62 8.63 3.20
C ARG A 108 -3.59 8.73 4.33
N ILE A 109 -2.32 8.58 3.96
N ILE A 109 -2.32 8.58 3.96
CA ILE A 109 -1.22 8.57 4.90
CA ILE A 109 -1.21 8.57 4.88
C ILE A 109 -0.09 9.44 4.35
C ILE A 109 -0.11 9.47 4.32
N THR A 110 0.37 10.41 5.14
CA THR A 110 1.51 11.21 4.75
C THR A 110 2.80 10.51 5.16
N VAL A 111 3.75 10.42 4.23
CA VAL A 111 5.10 9.97 4.51
C VAL A 111 6.07 11.12 4.27
N LYS A 112 6.86 11.42 5.30
CA LYS A 112 7.98 12.35 5.24
CA LYS A 112 7.98 12.34 5.20
C LYS A 112 9.25 11.54 5.38
N VAL A 113 10.32 11.97 4.69
CA VAL A 113 11.61 11.30 4.74
C VAL A 113 12.65 12.25 5.29
N ASN A 114 13.29 11.87 6.39
CA ASN A 114 14.35 12.66 6.99
CA ASN A 114 14.35 12.66 6.99
C ASN A 114 15.70 12.06 6.65
N ALA A 115 16.72 12.93 6.64
CA ALA A 115 18.09 12.52 6.41
C ALA A 115 18.92 12.93 7.61
N PRO A 116 18.99 12.09 8.66
CA PRO A 116 19.62 12.52 9.90
C PRO A 116 21.13 12.66 9.75
N TYR A 117 21.66 13.57 10.53
CA TYR A 117 23.10 13.83 10.55
C TYR A 117 23.50 14.28 11.95
N TYR B 1 -9.75 -0.69 -13.32
CA TYR B 1 -10.24 -1.38 -12.07
C TYR B 1 -11.34 -2.38 -12.44
N MAA B 2 -11.25 -3.65 -12.03
CM MAA B 2 -12.37 -4.54 -12.31
CA MAA B 2 -10.31 -4.23 -11.07
CB MAA B 2 -10.88 -4.71 -9.75
C MAA B 2 -9.52 -5.36 -11.76
O MAA B 2 -9.33 -6.44 -11.24
N ASN B 3 -9.02 -5.03 -12.99
CA ASN B 3 -8.16 -5.98 -13.68
C ASN B 3 -6.75 -5.78 -13.16
N PRO B 4 -6.13 -6.80 -12.52
CA PRO B 4 -4.81 -6.58 -11.94
C PRO B 4 -3.71 -6.30 -12.97
N DPP B 5 -4.00 -6.58 -14.24
CA DPP B 5 -3.03 -6.36 -15.33
C DPP B 5 -3.24 -5.02 -16.04
O DPP B 5 -2.52 -4.78 -17.03
CB DPP B 5 -3.09 -7.48 -16.34
NG DPP B 5 -2.55 -8.72 -15.85
N LEU B 6 -4.15 -4.17 -15.61
CA LEU B 6 -4.34 -2.87 -16.20
C LEU B 6 -4.07 -1.81 -15.16
N HYP B 7 -3.43 -0.68 -15.53
CA HYP B 7 -3.26 0.40 -14.58
C HYP B 7 -4.59 0.94 -14.06
O HYP B 7 -5.50 1.18 -14.84
CB HYP B 7 -2.58 1.49 -15.39
CG HYP B 7 -1.79 0.71 -16.43
CD HYP B 7 -2.77 -0.39 -16.81
OD1 HYP B 7 -0.62 0.23 -15.81
N TRP B 8 -4.64 1.20 -12.76
CA TRP B 8 -5.78 1.88 -12.15
C TRP B 8 -5.45 3.35 -11.96
N DAB B 9 -6.45 4.12 -11.56
CA DAB B 9 -6.23 5.46 -11.03
C DAB B 9 -7.19 5.63 -9.87
O DAB B 9 -8.23 5.01 -9.74
CB DAB B 9 -6.48 6.55 -12.08
CG DAB B 9 -5.58 6.45 -13.29
ND DAB B 9 -4.14 6.62 -13.04
C V6W B 10 -8.94 7.50 -8.13
CA V6W B 10 -7.65 6.82 -7.78
CB V6W B 10 -6.92 7.74 -6.81
CG V6W B 10 -7.60 7.77 -5.47
CD1 V6W B 10 -8.53 8.70 -4.98
C24 V6W B 10 -9.94 9.05 -2.95
CE2 V6W B 10 -8.32 7.19 -3.38
O V6W B 10 -8.93 8.50 -8.84
NE1 V6W B 10 -8.92 8.34 -3.74
C25 V6W B 10 -9.46 10.19 -2.13
O26 V6W B 10 -8.25 10.44 -2.04
O27 V6W B 10 -10.35 10.85 -1.53
CD2 V6W B 10 -7.47 6.80 -4.44
CE3 V6W B 10 -6.74 5.63 -4.34
CZ3 V6W B 10 -6.83 4.88 -3.15
CH2 V6W B 10 -7.64 5.27 -2.11
CZ2 V6W B 10 -8.41 6.42 -2.21
N V6W B 10 -6.85 6.60 -8.98
N 9KK B 11 -10.16 6.99 -7.69
CE 9KK B 11 -12.80 4.28 -3.17
CD 9KK B 11 -11.38 4.74 -3.19
CG 9KK B 11 -10.69 4.72 -4.54
CB 9KK B 11 -11.12 5.85 -5.51
CA 9KK B 11 -10.36 5.76 -6.90
CM 9KK B 11 -11.37 7.84 -7.90
C 9KK B 11 -11.14 4.77 -7.78
O 9KK B 11 -12.18 5.10 -8.33
N 9KK B 12 -10.63 3.48 -7.98
CE 9KK B 12 -13.73 0.30 -4.77
CD 9KK B 12 -13.89 1.01 -6.08
CG 9KK B 12 -12.57 1.49 -6.71
CB 9KK B 12 -12.78 2.16 -8.05
CA 9KK B 12 -11.46 2.53 -8.75
CM 9KK B 12 -9.38 3.00 -7.40
C 9KK B 12 -11.70 2.97 -10.18
O 9KK B 12 -12.65 2.52 -10.80
N LEU B 13 -10.73 3.74 -10.75
CA LEU B 13 -10.82 4.14 -12.15
C LEU B 13 -9.91 3.27 -12.97
N CCS B 14 -10.15 3.26 -14.29
CA CCS B 14 -9.07 2.67 -15.15
CB CCS B 14 -9.63 2.10 -16.39
SG CCS B 14 -10.44 0.51 -16.11
CD CCS B 14 -8.99 -0.42 -15.48
CE CCS B 14 -9.33 -1.30 -14.28
OZ1 CCS B 14 -9.08 -2.49 -14.33
C CCS B 14 -8.07 3.81 -15.41
O CCS B 14 -8.54 4.94 -15.54
N GLY B 15 -6.76 3.54 -15.51
CA GLY B 15 -5.70 4.54 -15.71
C GLY B 15 -5.38 4.78 -17.16
C ACT C . -19.47 0.16 3.11
O ACT C . -19.45 -0.67 2.19
OXT ACT C . -20.02 -0.04 4.22
CH3 ACT C . -18.83 1.50 2.84
C1 GOL D . 3.04 -5.52 -7.50
O1 GOL D . 3.32 -6.77 -6.89
C2 GOL D . 1.60 -5.40 -7.95
O2 GOL D . 0.70 -5.30 -6.85
C3 GOL D . 1.46 -4.20 -8.80
O3 GOL D . 0.13 -3.90 -9.11
C ACT E . -16.20 -10.93 4.05
O ACT E . -16.08 -12.17 4.08
OXT ACT E . -16.51 -10.28 3.04
CH3 ACT E . -15.95 -10.16 5.36
C ACT F . -13.10 7.64 4.22
O ACT F . -13.14 6.74 5.11
OXT ACT F . -13.95 7.76 3.29
CH3 ACT F . -11.94 8.64 4.28
C1 GOL G . 4.50 8.67 -13.68
O1 GOL G . 5.92 8.69 -13.86
C2 GOL G . 4.02 9.83 -12.84
O2 GOL G . 4.88 10.01 -11.70
C3 GOL G . 2.59 9.67 -12.35
O3 GOL G . 1.99 8.50 -12.92
#